data_5QTZ
#
_entry.id   5QTZ
#
_cell.length_a   42.030
_cell.length_b   76.890
_cell.length_c   90.350
_cell.angle_alpha   90.000
_cell.angle_beta   90.000
_cell.angle_gamma   90.000
#
_symmetry.space_group_name_H-M   'P 21 21 21'
#
loop_
_entity.id
_entity.type
_entity.pdbx_description
1 polymer 'TGF-beta receptor type-1'
2 non-polymer 6-[1-(2,2-difluoroethyl)-4-(6-methylpyridin-2-yl)-1H-imidazol-5-yl]imidazo[1,2-a]pyridine
3 non-polymer GLYCEROL
4 water water
#
_entity_poly.entity_id   1
_entity_poly.type   'polypeptide(L)'
_entity_poly.pdbx_seq_one_letter_code
;GHMTIARDIVLQESIGKGRFGEVWRGKWRGEEVAVKIFSSREERSWFREAEIYQTVMLRHENILGFIAADNKDNGTWTQL
WLVSDYHEHGSLFDYLNRYTVTVEGMIKLALSTASGLAHLHMEIVGTQGKPAIAHRDLKSKNILVKKNGTCCIADLGLAV
RHDSATDTIDIAPNHRVGTKRYMAPEVLDDSINMKHFESFKRADIYAMGLVFWEIARRCSIGGIHEDYQLPYYDLVPSDP
SVEEMRKVVCEQKLRPNIPNRWQSCEALRVMAKIMRECWYANGAARLTALRIKKTLSQLSQQEGIKM
;
_entity_poly.pdbx_strand_id   A
#
loop_
_chem_comp.id
_chem_comp.type
_chem_comp.name
_chem_comp.formula
GOL non-polymer GLYCEROL 'C3 H8 O3'
QMY non-polymer 6-[1-(2,2-difluoroethyl)-4-(6-methylpyridin-2-yl)-1H-imidazol-5-yl]imidazo[1,2-a]pyridine 'C18 H15 F2 N5'
#
# COMPACT_ATOMS: atom_id res chain seq x y z
N GLY A 1 11.85 5.64 31.59
CA GLY A 1 11.71 5.46 30.15
C GLY A 1 10.26 5.25 29.72
N HIS A 2 9.73 6.21 28.95
CA HIS A 2 8.35 6.16 28.48
C HIS A 2 8.25 5.67 27.02
N MET A 3 9.38 5.70 26.30
CA MET A 3 9.39 5.28 24.89
C MET A 3 9.39 3.76 24.80
N THR A 4 8.80 3.23 23.70
CA THR A 4 8.75 1.79 23.41
C THR A 4 10.10 1.31 22.87
N ILE A 5 10.65 0.25 23.50
CA ILE A 5 11.93 -0.35 23.13
C ILE A 5 11.81 -1.89 23.09
N ALA A 6 12.60 -2.52 22.23
CA ALA A 6 12.54 -3.96 22.01
C ALA A 6 12.67 -4.84 23.27
N ARG A 7 13.56 -4.46 24.21
CA ARG A 7 13.80 -5.28 25.41
C ARG A 7 12.55 -5.48 26.30
N ASP A 8 11.60 -4.54 26.21
CA ASP A 8 10.35 -4.54 26.96
C ASP A 8 9.18 -5.17 26.19
N ILE A 9 9.46 -5.79 25.02
CA ILE A 9 8.40 -6.41 24.19
C ILE A 9 8.49 -7.94 24.27
N VAL A 10 7.33 -8.61 24.44
CA VAL A 10 7.27 -10.09 24.49
C VAL A 10 6.45 -10.59 23.31
N LEU A 11 7.04 -11.46 22.47
CA LEU A 11 6.40 -12.03 21.29
C LEU A 11 5.40 -13.07 21.73
N GLN A 12 4.19 -13.02 21.15
CA GLN A 12 3.10 -13.94 21.56
C GLN A 12 2.64 -14.87 20.43
N GLU A 13 2.65 -14.37 19.16
CA GLU A 13 2.06 -15.12 18.05
C GLU A 13 2.67 -14.72 16.71
N SER A 14 2.93 -15.72 15.85
CA SER A 14 3.43 -15.47 14.49
C SER A 14 2.24 -14.96 13.65
N ILE A 15 2.38 -13.81 13.00
CA ILE A 15 1.23 -13.22 12.25
C ILE A 15 1.59 -12.94 10.79
N GLY A 16 2.48 -13.73 10.24
CA GLY A 16 2.85 -13.65 8.84
C GLY A 16 4.18 -13.00 8.57
N LYS A 17 4.26 -12.33 7.44
CA LYS A 17 5.51 -11.71 7.02
C LYS A 17 5.30 -10.37 6.32
N GLY A 18 6.44 -9.77 6.02
CA GLY A 18 6.56 -8.58 5.20
C GLY A 18 7.29 -9.06 3.96
N ARG A 19 7.68 -8.14 3.09
CA ARG A 19 8.43 -8.48 1.89
C ARG A 19 9.75 -9.20 2.30
N PHE A 20 10.37 -8.72 3.39
CA PHE A 20 11.53 -9.25 4.11
C PHE A 20 11.07 -9.19 5.58
N GLY A 21 11.65 -9.96 6.45
CA GLY A 21 11.24 -9.89 7.85
C GLY A 21 9.96 -10.66 8.16
N GLU A 22 9.92 -11.23 9.36
CA GLU A 22 8.81 -12.06 9.83
C GLU A 22 8.09 -11.26 10.88
N VAL A 23 6.74 -11.25 10.77
CA VAL A 23 5.90 -10.43 11.63
C VAL A 23 5.29 -11.27 12.75
N TRP A 24 5.31 -10.68 13.95
CA TRP A 24 4.81 -11.26 15.19
C TRP A 24 3.90 -10.26 15.91
N ARG A 25 2.91 -10.78 16.63
CA ARG A 25 2.09 -9.99 17.53
C ARG A 25 2.88 -10.07 18.85
N GLY A 26 3.06 -8.94 19.50
CA GLY A 26 3.80 -8.85 20.74
C GLY A 26 3.09 -7.95 21.74
N LYS A 27 3.50 -7.99 23.01
CA LYS A 27 2.90 -7.18 24.04
C LYS A 27 3.98 -6.27 24.60
N TRP A 28 3.63 -4.98 24.70
CA TRP A 28 4.49 -3.94 25.23
C TRP A 28 3.64 -3.16 26.23
N ARG A 29 4.06 -3.24 27.52
CA ARG A 29 3.39 -2.55 28.63
C ARG A 29 1.87 -2.67 28.56
N GLY A 30 1.41 -3.91 28.49
CA GLY A 30 0.00 -4.30 28.42
C GLY A 30 -0.67 -4.13 27.08
N GLU A 31 0.00 -3.50 26.09
CA GLU A 31 -0.60 -3.23 24.78
C GLU A 31 -0.11 -4.14 23.66
N GLU A 32 -0.96 -4.43 22.70
CA GLU A 32 -0.54 -5.27 21.57
C GLU A 32 0.18 -4.40 20.53
N VAL A 33 1.29 -4.91 19.98
CA VAL A 33 2.08 -4.24 18.93
C VAL A 33 2.43 -5.27 17.87
N ALA A 34 2.79 -4.79 16.67
CA ALA A 34 3.27 -5.68 15.62
C ALA A 34 4.80 -5.50 15.60
N VAL A 35 5.50 -6.58 15.45
CA VAL A 35 6.96 -6.62 15.41
C VAL A 35 7.39 -7.31 14.14
N LYS A 36 8.26 -6.65 13.38
CA LYS A 36 8.81 -7.27 12.17
C LYS A 36 10.28 -7.49 12.44
N ILE A 37 10.69 -8.76 12.33
CA ILE A 37 12.05 -9.19 12.68
C ILE A 37 12.89 -9.50 11.48
N PHE A 38 14.09 -8.88 11.43
CA PHE A 38 15.05 -9.07 10.36
C PHE A 38 16.33 -9.69 10.96
N SER A 39 17.03 -10.49 10.15
CA SER A 39 18.34 -11.01 10.58
C SER A 39 19.40 -9.91 10.29
N SER A 40 20.60 -10.07 10.87
CA SER A 40 21.74 -9.14 10.74
C SER A 40 22.14 -8.91 9.27
N ARG A 41 22.03 -9.95 8.42
CA ARG A 41 22.36 -9.83 6.99
C ARG A 41 21.32 -9.04 6.17
N GLU A 42 20.19 -8.70 6.79
CA GLU A 42 19.11 -7.92 6.17
C GLU A 42 19.11 -6.48 6.70
N GLU A 43 20.22 -6.03 7.30
CA GLU A 43 20.36 -4.68 7.86
CA GLU A 43 20.33 -4.68 7.86
C GLU A 43 19.96 -3.60 6.85
N ARG A 44 20.36 -3.73 5.57
CA ARG A 44 20.02 -2.71 4.56
C ARG A 44 18.52 -2.47 4.41
N SER A 45 17.74 -3.56 4.31
CA SER A 45 16.29 -3.53 4.17
CA SER A 45 16.30 -3.53 4.17
C SER A 45 15.65 -2.97 5.45
N TRP A 46 16.11 -3.44 6.62
CA TRP A 46 15.59 -2.97 7.90
C TRP A 46 15.85 -1.45 8.02
N PHE A 47 17.09 -1.02 7.74
CA PHE A 47 17.49 0.39 7.90
C PHE A 47 16.69 1.30 6.97
N ARG A 48 16.57 0.91 5.67
CA ARG A 48 15.85 1.69 4.68
C ARG A 48 14.37 1.84 5.10
N GLU A 49 13.74 0.78 5.61
CA GLU A 49 12.36 0.87 6.07
C GLU A 49 12.24 1.76 7.32
N ALA A 50 13.19 1.61 8.28
CA ALA A 50 13.24 2.48 9.47
C ALA A 50 13.36 3.96 9.00
N GLU A 51 14.25 4.22 8.02
CA GLU A 51 14.47 5.57 7.46
C GLU A 51 13.19 6.14 6.84
N ILE A 52 12.47 5.35 6.03
CA ILE A 52 11.20 5.85 5.46
C ILE A 52 10.19 6.16 6.57
N TYR A 53 9.97 5.22 7.51
CA TYR A 53 9.00 5.47 8.57
C TYR A 53 9.34 6.63 9.51
N GLN A 54 10.62 7.04 9.56
CA GLN A 54 11.04 8.16 10.42
C GLN A 54 10.96 9.51 9.69
N THR A 55 10.47 9.51 8.44
CA THR A 55 10.36 10.75 7.66
C THR A 55 9.54 11.77 8.43
N VAL A 56 10.04 13.02 8.46
CA VAL A 56 9.37 14.15 9.11
C VAL A 56 7.96 14.30 8.56
N MET A 57 6.97 14.48 9.46
CA MET A 57 5.55 14.71 9.15
C MET A 57 4.80 13.55 8.43
N LEU A 58 5.34 12.34 8.49
CA LEU A 58 4.71 11.19 7.83
C LEU A 58 3.43 10.71 8.50
N ARG A 59 3.34 10.78 9.84
CA ARG A 59 2.20 10.23 10.57
C ARG A 59 0.87 10.73 10.05
N HIS A 60 -0.09 9.81 9.92
CA HIS A 60 -1.40 10.04 9.32
C HIS A 60 -2.28 8.88 9.70
N GLU A 61 -3.57 9.11 9.91
CA GLU A 61 -4.44 8.00 10.31
C GLU A 61 -4.46 6.86 9.28
N ASN A 62 -4.13 7.14 8.02
CA ASN A 62 -4.18 6.09 7.00
C ASN A 62 -2.80 5.63 6.53
N ILE A 63 -1.80 5.81 7.41
CA ILE A 63 -0.45 5.30 7.21
C ILE A 63 -0.15 4.49 8.48
N LEU A 64 0.42 3.28 8.35
CA LEU A 64 0.75 2.44 9.51
C LEU A 64 1.55 3.28 10.57
N GLY A 65 1.09 3.22 11.82
CA GLY A 65 1.70 3.96 12.94
C GLY A 65 3.00 3.31 13.35
N PHE A 66 4.11 3.95 13.03
CA PHE A 66 5.45 3.44 13.33
C PHE A 66 5.82 3.77 14.77
N ILE A 67 6.36 2.79 15.51
CA ILE A 67 6.71 3.02 16.90
C ILE A 67 8.21 3.15 17.08
N ALA A 68 8.98 2.13 16.61
CA ALA A 68 10.44 2.18 16.82
C ALA A 68 11.18 1.22 15.93
N ALA A 69 12.48 1.53 15.72
CA ALA A 69 13.45 0.63 15.10
C ALA A 69 14.39 0.31 16.28
N ASP A 70 14.75 -0.96 16.47
CA ASP A 70 15.64 -1.29 17.58
C ASP A 70 16.37 -2.61 17.29
N ASN A 71 17.31 -2.98 18.18
CA ASN A 71 18.02 -4.26 18.06
C ASN A 71 17.66 -5.07 19.29
N LYS A 72 17.73 -6.41 19.16
CA LYS A 72 17.51 -7.30 20.32
C LYS A 72 18.53 -8.44 20.26
N ASP A 73 19.44 -8.49 21.21
CA ASP A 73 20.45 -9.54 21.26
C ASP A 73 19.97 -10.60 22.20
N ASN A 74 19.75 -11.82 21.69
CA ASN A 74 19.25 -12.85 22.59
C ASN A 74 20.37 -13.61 23.33
N GLY A 75 21.63 -13.26 23.08
CA GLY A 75 22.78 -13.92 23.69
C GLY A 75 23.51 -14.78 22.70
N THR A 76 22.85 -15.11 21.55
CA THR A 76 23.45 -15.89 20.45
C THR A 76 23.58 -15.04 19.16
N TRP A 77 22.47 -14.40 18.76
CA TRP A 77 22.44 -13.54 17.58
C TRP A 77 21.65 -12.27 17.87
N THR A 78 21.80 -11.29 16.98
CA THR A 78 21.09 -10.03 17.05
C THR A 78 19.97 -10.00 16.02
N GLN A 79 18.79 -9.65 16.49
CA GLN A 79 17.60 -9.46 15.69
C GLN A 79 17.44 -7.95 15.50
N LEU A 80 17.10 -7.53 14.28
CA LEU A 80 16.82 -6.13 13.96
C LEU A 80 15.30 -5.99 13.89
N TRP A 81 14.76 -5.13 14.74
CA TRP A 81 13.33 -5.00 14.91
C TRP A 81 12.74 -3.71 14.36
N LEU A 82 11.51 -3.83 13.83
CA LEU A 82 10.66 -2.69 13.49
C LEU A 82 9.38 -2.94 14.27
N VAL A 83 8.90 -1.93 14.97
CA VAL A 83 7.70 -2.06 15.81
C VAL A 83 6.66 -1.08 15.32
N SER A 84 5.40 -1.54 15.22
CA SER A 84 4.30 -0.68 14.79
C SER A 84 3.04 -0.98 15.56
N ASP A 85 1.98 -0.20 15.26
CA ASP A 85 0.64 -0.49 15.78
C ASP A 85 0.25 -1.87 15.25
N TYR A 86 -0.54 -2.58 16.01
CA TYR A 86 -1.09 -3.88 15.64
C TYR A 86 -2.56 -3.70 15.21
N HIS A 87 -2.93 -4.29 14.07
CA HIS A 87 -4.31 -4.22 13.57
C HIS A 87 -4.86 -5.64 13.43
N GLU A 88 -5.71 -6.03 14.38
CA GLU A 88 -6.26 -7.38 14.49
C GLU A 88 -6.85 -7.95 13.20
N HIS A 89 -7.46 -7.13 12.36
CA HIS A 89 -8.00 -7.63 11.08
C HIS A 89 -6.92 -8.08 10.09
N GLY A 90 -5.68 -7.63 10.29
CA GLY A 90 -4.61 -7.94 9.36
C GLY A 90 -4.80 -7.16 8.07
N SER A 91 -4.31 -7.71 6.96
CA SER A 91 -4.32 -7.03 5.68
C SER A 91 -5.70 -6.93 5.06
N LEU A 92 -5.83 -5.99 4.12
CA LEU A 92 -7.03 -5.79 3.31
C LEU A 92 -7.24 -7.07 2.51
N PHE A 93 -6.14 -7.74 2.11
CA PHE A 93 -6.19 -9.02 1.37
C PHE A 93 -6.94 -10.04 2.23
N ASP A 94 -6.52 -10.22 3.50
CA ASP A 94 -7.18 -11.14 4.42
C ASP A 94 -8.64 -10.77 4.65
N TYR A 95 -8.90 -9.49 4.92
CA TYR A 95 -10.22 -8.93 5.20
C TYR A 95 -11.21 -9.20 4.03
N LEU A 96 -10.79 -8.88 2.79
CA LEU A 96 -11.63 -9.10 1.60
C LEU A 96 -11.81 -10.58 1.33
N ASN A 97 -10.85 -11.41 1.72
CA ASN A 97 -11.00 -12.84 1.57
C ASN A 97 -12.06 -13.41 2.55
N ARG A 98 -12.12 -12.85 3.75
CA ARG A 98 -13.02 -13.34 4.80
C ARG A 98 -14.43 -12.79 4.71
N TYR A 99 -14.53 -11.52 4.29
CA TYR A 99 -15.79 -10.82 4.32
C TYR A 99 -16.24 -10.22 3.02
N THR A 100 -17.55 -9.98 2.94
CA THR A 100 -18.13 -9.16 1.88
C THR A 100 -18.28 -7.85 2.63
N VAL A 101 -18.40 -6.73 1.92
CA VAL A 101 -18.57 -5.42 2.52
C VAL A 101 -19.86 -4.76 2.05
N THR A 102 -20.37 -3.77 2.79
CA THR A 102 -21.54 -3.01 2.37
C THR A 102 -21.01 -1.88 1.47
N VAL A 103 -21.91 -1.05 0.87
CA VAL A 103 -21.55 0.09 0.04
C VAL A 103 -20.76 1.08 0.90
N GLU A 104 -21.24 1.29 2.14
CA GLU A 104 -20.59 2.17 3.11
C GLU A 104 -19.18 1.65 3.41
N GLY A 105 -19.08 0.34 3.67
CA GLY A 105 -17.87 -0.40 3.97
C GLY A 105 -16.86 -0.24 2.86
N MET A 106 -17.30 -0.43 1.60
CA MET A 106 -16.46 -0.25 0.42
C MET A 106 -15.90 1.20 0.33
N ILE A 107 -16.78 2.22 0.46
CA ILE A 107 -16.37 3.64 0.37
C ILE A 107 -15.36 3.97 1.46
N LYS A 108 -15.58 3.48 2.70
CA LYS A 108 -14.65 3.73 3.82
C LYS A 108 -13.26 3.17 3.52
N LEU A 109 -13.18 1.94 2.98
CA LEU A 109 -11.92 1.26 2.64
C LEU A 109 -11.20 1.99 1.52
N ALA A 110 -11.95 2.37 0.47
CA ALA A 110 -11.37 3.06 -0.67
C ALA A 110 -10.92 4.49 -0.32
N LEU A 111 -11.77 5.26 0.37
CA LEU A 111 -11.44 6.63 0.74
C LEU A 111 -10.23 6.66 1.67
N SER A 112 -10.21 5.80 2.71
CA SER A 112 -9.09 5.78 3.65
C SER A 112 -7.78 5.40 2.92
N THR A 113 -7.85 4.45 1.96
CA THR A 113 -6.67 4.08 1.17
C THR A 113 -6.16 5.28 0.38
N ALA A 114 -7.09 5.99 -0.32
CA ALA A 114 -6.75 7.16 -1.12
C ALA A 114 -6.20 8.30 -0.25
N SER A 115 -6.75 8.47 0.98
CA SER A 115 -6.31 9.52 1.90
CA SER A 115 -6.30 9.53 1.89
C SER A 115 -4.87 9.27 2.38
N GLY A 116 -4.53 8.01 2.65
CA GLY A 116 -3.17 7.65 3.06
C GLY A 116 -2.20 7.84 1.92
N LEU A 117 -2.61 7.43 0.71
CA LEU A 117 -1.76 7.60 -0.46
C LEU A 117 -1.56 9.08 -0.81
N ALA A 118 -2.59 9.90 -0.64
CA ALA A 118 -2.50 11.35 -0.88
C ALA A 118 -1.48 11.95 0.10
N HIS A 119 -1.53 11.51 1.38
CA HIS A 119 -0.58 11.99 2.38
C HIS A 119 0.84 11.55 2.06
N LEU A 120 1.04 10.26 1.70
CA LEU A 120 2.34 9.76 1.29
C LEU A 120 2.91 10.62 0.15
N HIS A 121 2.12 10.81 -0.92
CA HIS A 121 2.53 11.57 -2.12
C HIS A 121 2.70 13.09 -1.90
N MET A 122 2.02 13.67 -0.94
CA MET A 122 2.04 15.12 -0.71
C MET A 122 3.42 15.65 -0.25
N GLU A 123 3.89 16.70 -0.91
CA GLU A 123 5.11 17.35 -0.45
C GLU A 123 4.67 18.56 0.41
N ILE A 124 5.35 18.81 1.54
CA ILE A 124 5.14 19.99 2.38
C ILE A 124 6.49 20.71 2.36
N VAL A 125 6.60 21.88 1.71
CA VAL A 125 7.91 22.56 1.65
C VAL A 125 8.12 23.41 2.90
N GLY A 126 9.36 23.78 3.20
CA GLY A 126 9.65 24.63 4.35
C GLY A 126 10.14 23.93 5.60
N THR A 127 10.04 24.61 6.76
CA THR A 127 10.54 24.12 8.05
C THR A 127 9.71 22.95 8.51
N GLN A 128 10.38 21.87 8.98
CA GLN A 128 9.72 20.61 9.31
C GLN A 128 8.97 20.14 8.06
N GLY A 129 9.60 20.31 6.90
CA GLY A 129 9.02 19.95 5.62
C GLY A 129 8.91 18.45 5.44
N LYS A 130 7.98 18.00 4.58
CA LYS A 130 7.81 16.58 4.31
C LYS A 130 8.11 16.32 2.84
N PRO A 131 9.02 15.40 2.51
CA PRO A 131 9.28 15.12 1.10
C PRO A 131 8.11 14.29 0.55
N ALA A 132 7.87 14.40 -0.75
CA ALA A 132 6.85 13.56 -1.38
C ALA A 132 7.45 12.13 -1.36
N ILE A 133 6.59 11.10 -1.13
CA ILE A 133 7.05 9.71 -1.04
C ILE A 133 6.18 8.86 -1.98
N ALA A 134 6.79 7.98 -2.77
CA ALA A 134 6.05 7.06 -3.63
C ALA A 134 6.30 5.68 -3.04
N HIS A 135 5.25 4.86 -2.94
CA HIS A 135 5.29 3.54 -2.30
C HIS A 135 6.10 2.47 -3.06
N ARG A 136 5.80 2.30 -4.39
CA ARG A 136 6.42 1.34 -5.32
CA ARG A 136 6.44 1.33 -5.31
C ARG A 136 5.98 -0.12 -5.11
N ASP A 137 5.18 -0.40 -4.09
CA ASP A 137 4.70 -1.76 -3.88
C ASP A 137 3.28 -1.78 -3.28
N LEU A 138 2.40 -0.89 -3.77
CA LEU A 138 1.05 -0.84 -3.23
C LEU A 138 0.26 -2.03 -3.74
N LYS A 139 -0.44 -2.71 -2.84
CA LYS A 139 -1.24 -3.91 -3.11
C LYS A 139 -2.08 -4.20 -1.87
N SER A 140 -3.08 -5.07 -2.03
CA SER A 140 -3.99 -5.34 -0.92
C SER A 140 -3.31 -6.05 0.27
N LYS A 141 -2.21 -6.79 0.04
CA LYS A 141 -1.46 -7.44 1.12
C LYS A 141 -0.62 -6.40 1.91
N ASN A 142 -0.42 -5.18 1.35
CA ASN A 142 0.35 -4.08 1.99
C ASN A 142 -0.52 -2.97 2.59
N ILE A 143 -1.80 -3.25 2.77
CA ILE A 143 -2.77 -2.33 3.36
C ILE A 143 -3.40 -3.10 4.52
N LEU A 144 -3.57 -2.45 5.67
CA LEU A 144 -4.15 -3.07 6.85
C LEU A 144 -5.50 -2.46 7.11
N VAL A 145 -6.39 -3.21 7.77
CA VAL A 145 -7.75 -2.75 8.06
C VAL A 145 -7.85 -2.60 9.59
N LYS A 146 -8.28 -1.42 10.03
CA LYS A 146 -8.46 -1.06 11.43
C LYS A 146 -9.82 -1.50 11.92
N LYS A 147 -10.04 -1.50 13.26
CA LYS A 147 -11.32 -1.87 13.89
C LYS A 147 -12.48 -0.99 13.34
N ASN A 148 -12.23 0.29 13.05
CA ASN A 148 -13.28 1.19 12.56
C ASN A 148 -13.61 1.01 11.07
N GLY A 149 -13.09 -0.05 10.43
CA GLY A 149 -13.34 -0.29 9.02
C GLY A 149 -12.57 0.61 8.06
N THR A 150 -11.54 1.32 8.54
CA THR A 150 -10.72 2.14 7.64
C THR A 150 -9.36 1.46 7.46
N CYS A 151 -8.59 1.90 6.47
CA CYS A 151 -7.30 1.34 6.09
C CYS A 151 -6.15 2.16 6.49
N CYS A 152 -4.98 1.50 6.56
CA CYS A 152 -3.73 2.22 6.64
C CYS A 152 -2.68 1.52 5.80
N ILE A 153 -1.92 2.31 5.05
CA ILE A 153 -0.89 1.77 4.15
C ILE A 153 0.34 1.38 4.95
N ALA A 154 0.94 0.22 4.57
CA ALA A 154 2.10 -0.33 5.27
C ALA A 154 3.10 -0.87 4.26
N ASP A 155 4.16 -1.54 4.77
CA ASP A 155 5.26 -2.13 3.99
C ASP A 155 5.90 -1.05 3.09
N LEU A 156 6.37 0.03 3.73
CA LEU A 156 6.98 1.17 3.03
C LEU A 156 8.46 0.99 2.67
N GLY A 157 9.01 -0.21 2.86
CA GLY A 157 10.43 -0.50 2.63
C GLY A 157 10.98 -0.21 1.25
N LEU A 158 10.13 -0.28 0.20
CA LEU A 158 10.58 -0.03 -1.16
C LEU A 158 10.34 1.39 -1.61
N ALA A 159 9.89 2.26 -0.69
CA ALA A 159 9.59 3.64 -1.01
C ALA A 159 10.78 4.45 -1.49
N VAL A 160 10.47 5.51 -2.21
CA VAL A 160 11.43 6.51 -2.74
C VAL A 160 10.96 7.88 -2.28
N ARG A 161 11.91 8.77 -1.92
CA ARG A 161 11.53 10.10 -1.44
C ARG A 161 12.11 11.14 -2.36
N HIS A 162 11.38 12.21 -2.57
CA HIS A 162 11.76 13.29 -3.47
C HIS A 162 12.17 14.55 -2.72
N ASP A 163 13.30 15.16 -3.11
CA ASP A 163 13.75 16.44 -2.54
C ASP A 163 13.58 17.46 -3.66
N SER A 164 12.49 18.28 -3.61
CA SER A 164 12.15 19.26 -4.66
C SER A 164 13.23 20.33 -4.92
N ALA A 165 13.92 20.79 -3.85
CA ALA A 165 14.99 21.80 -3.90
C ALA A 165 16.11 21.41 -4.85
N THR A 166 16.49 20.13 -4.87
CA THR A 166 17.54 19.58 -5.73
C THR A 166 16.95 18.76 -6.89
N ASP A 167 15.61 18.53 -6.87
CA ASP A 167 14.83 17.73 -7.84
C ASP A 167 15.39 16.31 -7.96
N THR A 168 15.81 15.75 -6.82
CA THR A 168 16.41 14.41 -6.76
C THR A 168 15.58 13.42 -5.96
N ILE A 169 15.81 12.14 -6.24
CA ILE A 169 15.23 11.03 -5.51
C ILE A 169 16.37 10.59 -4.56
N ASP A 170 16.04 10.27 -3.29
CA ASP A 170 17.04 9.97 -2.26
C ASP A 170 17.86 8.70 -2.50
N ILE A 171 17.40 7.82 -3.39
CA ILE A 171 18.16 6.61 -3.70
C ILE A 171 18.29 6.46 -5.21
N ALA A 172 19.19 5.57 -5.66
CA ALA A 172 19.37 5.25 -7.07
C ALA A 172 18.36 4.12 -7.27
N PRO A 173 17.18 4.38 -7.88
CA PRO A 173 16.15 3.33 -7.92
C PRO A 173 16.40 2.23 -8.91
N ASN A 174 16.23 0.97 -8.45
CA ASN A 174 16.33 -0.23 -9.27
C ASN A 174 15.03 -0.37 -10.07
N HIS A 175 15.07 -1.12 -11.17
CA HIS A 175 13.91 -1.30 -12.03
C HIS A 175 13.05 -2.44 -11.51
N ARG A 176 11.72 -2.33 -11.70
CA ARG A 176 10.74 -3.40 -11.39
C ARG A 176 10.95 -4.03 -10.00
N VAL A 177 10.83 -3.24 -8.92
CA VAL A 177 11.08 -3.73 -7.55
C VAL A 177 9.86 -4.37 -6.84
N GLY A 178 8.67 -3.99 -7.23
CA GLY A 178 7.43 -4.42 -6.57
C GLY A 178 6.89 -5.78 -6.95
N THR A 179 5.63 -5.98 -6.60
CA THR A 179 4.91 -7.21 -6.90
C THR A 179 4.53 -7.11 -8.38
N LYS A 180 4.95 -8.11 -9.17
CA LYS A 180 4.75 -8.13 -10.63
C LYS A 180 3.30 -7.92 -11.04
N ARG A 181 2.35 -8.59 -10.38
CA ARG A 181 0.92 -8.49 -10.69
C ARG A 181 0.39 -7.04 -10.71
N TYR A 182 0.93 -6.20 -9.84
CA TYR A 182 0.47 -4.82 -9.66
C TYR A 182 1.34 -3.76 -10.36
N MET A 183 2.39 -4.20 -11.08
CA MET A 183 3.29 -3.27 -11.77
C MET A 183 2.54 -2.52 -12.87
N ALA A 184 2.75 -1.21 -12.92
CA ALA A 184 2.12 -0.34 -13.93
C ALA A 184 2.62 -0.70 -15.35
N PRO A 185 1.84 -0.41 -16.43
CA PRO A 185 2.33 -0.74 -17.79
C PRO A 185 3.75 -0.26 -18.08
N GLU A 186 4.05 1.00 -17.71
CA GLU A 186 5.37 1.62 -17.93
C GLU A 186 6.51 0.96 -17.13
N VAL A 187 6.18 0.32 -16.00
CA VAL A 187 7.16 -0.43 -15.20
C VAL A 187 7.38 -1.76 -15.91
N LEU A 188 6.28 -2.43 -16.32
CA LEU A 188 6.39 -3.70 -17.03
C LEU A 188 7.19 -3.62 -18.31
N ASP A 189 6.97 -2.58 -19.14
CA ASP A 189 7.70 -2.45 -20.42
C ASP A 189 8.99 -1.61 -20.28
N ASP A 190 9.31 -1.16 -19.05
CA ASP A 190 10.50 -0.39 -18.70
C ASP A 190 10.64 0.96 -19.46
N SER A 191 9.51 1.55 -19.87
CA SER A 191 9.51 2.85 -20.54
C SER A 191 9.45 3.98 -19.50
N ILE A 192 9.26 3.61 -18.22
CA ILE A 192 9.15 4.58 -17.12
C ILE A 192 10.42 5.44 -17.03
N ASN A 193 10.23 6.75 -16.92
CA ASN A 193 11.35 7.67 -16.78
C ASN A 193 11.60 7.84 -15.26
N MET A 194 12.53 7.06 -14.72
CA MET A 194 12.85 7.03 -13.29
C MET A 194 13.61 8.27 -12.77
N LYS A 195 13.89 9.26 -13.65
CA LYS A 195 14.52 10.54 -13.34
C LYS A 195 13.45 11.57 -12.96
N HIS A 196 12.19 11.24 -13.29
CA HIS A 196 11.02 12.08 -13.01
CA HIS A 196 11.03 12.09 -12.99
C HIS A 196 10.24 11.41 -11.86
N PHE A 197 10.26 12.02 -10.65
CA PHE A 197 9.59 11.49 -9.47
C PHE A 197 8.08 11.25 -9.66
N GLU A 198 7.42 12.13 -10.42
CA GLU A 198 5.98 12.04 -10.72
C GLU A 198 5.64 10.67 -11.33
N SER A 199 6.61 10.05 -12.05
CA SER A 199 6.48 8.72 -12.66
C SER A 199 6.14 7.65 -11.58
N PHE A 200 6.80 7.73 -10.41
CA PHE A 200 6.55 6.80 -9.30
C PHE A 200 5.17 7.03 -8.67
N LYS A 201 4.72 8.29 -8.54
CA LYS A 201 3.39 8.59 -7.97
C LYS A 201 2.31 8.01 -8.90
N ARG A 202 2.50 8.19 -10.22
CA ARG A 202 1.55 7.69 -11.23
C ARG A 202 1.43 6.17 -11.21
N ALA A 203 2.57 5.45 -11.08
CA ALA A 203 2.63 4.00 -11.01
C ALA A 203 1.91 3.51 -9.74
N ASP A 204 2.01 4.26 -8.62
CA ASP A 204 1.25 3.93 -7.40
C ASP A 204 -0.27 4.01 -7.65
N ILE A 205 -0.72 5.03 -8.45
CA ILE A 205 -2.16 5.23 -8.75
C ILE A 205 -2.73 4.04 -9.52
N TYR A 206 -1.98 3.51 -10.47
CA TYR A 206 -2.39 2.34 -11.24
C TYR A 206 -2.66 1.18 -10.26
N ALA A 207 -1.69 0.92 -9.34
CA ALA A 207 -1.83 -0.13 -8.34
C ALA A 207 -3.01 0.11 -7.45
N MET A 208 -3.25 1.37 -7.04
CA MET A 208 -4.42 1.66 -6.20
C MET A 208 -5.75 1.31 -6.93
N GLY A 209 -5.80 1.55 -8.24
CA GLY A 209 -6.98 1.21 -9.05
C GLY A 209 -7.27 -0.28 -8.99
N LEU A 210 -6.21 -1.09 -9.04
CA LEU A 210 -6.32 -2.55 -8.92
C LEU A 210 -6.86 -2.95 -7.55
N VAL A 211 -6.39 -2.29 -6.49
CA VAL A 211 -6.90 -2.54 -5.11
C VAL A 211 -8.39 -2.14 -5.03
N PHE A 212 -8.77 -1.00 -5.64
CA PHE A 212 -10.19 -0.60 -5.64
C PHE A 212 -11.07 -1.71 -6.30
N TRP A 213 -10.57 -2.32 -7.38
CA TRP A 213 -11.27 -3.39 -8.08
C TRP A 213 -11.48 -4.56 -7.13
N GLU A 214 -10.44 -4.91 -6.36
CA GLU A 214 -10.52 -6.01 -5.40
C GLU A 214 -11.59 -5.74 -4.34
N ILE A 215 -11.71 -4.47 -3.90
CA ILE A 215 -12.69 -4.09 -2.87
C ILE A 215 -14.13 -4.14 -3.46
N ALA A 216 -14.32 -3.52 -4.63
CA ALA A 216 -15.61 -3.43 -5.34
C ALA A 216 -16.24 -4.79 -5.59
N ARG A 217 -15.42 -5.81 -5.89
CA ARG A 217 -15.93 -7.17 -6.09
C ARG A 217 -16.59 -7.72 -4.82
N ARG A 218 -16.13 -7.26 -3.65
CA ARG A 218 -16.63 -7.76 -2.37
C ARG A 218 -17.78 -6.95 -1.83
N CYS A 219 -18.19 -5.89 -2.53
CA CYS A 219 -19.34 -5.06 -2.14
C CYS A 219 -20.63 -5.87 -2.43
N SER A 220 -21.38 -6.17 -1.38
CA SER A 220 -22.61 -6.95 -1.44
C SER A 220 -23.84 -6.03 -1.38
N ILE A 221 -24.65 -6.04 -2.44
CA ILE A 221 -25.90 -5.27 -2.55
C ILE A 221 -26.99 -6.28 -2.87
N GLY A 222 -28.02 -6.33 -2.04
CA GLY A 222 -29.11 -7.29 -2.18
C GLY A 222 -28.58 -8.72 -2.19
N GLY A 223 -27.49 -8.92 -1.45
CA GLY A 223 -26.81 -10.21 -1.35
C GLY A 223 -25.99 -10.58 -2.58
N ILE A 224 -25.87 -9.68 -3.58
CA ILE A 224 -25.14 -9.92 -4.82
C ILE A 224 -23.73 -9.30 -4.77
N HIS A 225 -22.70 -10.14 -4.92
CA HIS A 225 -21.28 -9.77 -4.94
C HIS A 225 -20.48 -10.78 -5.75
N GLU A 226 -19.22 -10.46 -6.07
CA GLU A 226 -18.30 -11.37 -6.78
C GLU A 226 -17.43 -12.05 -5.72
N ASP A 227 -16.87 -13.23 -6.02
CA ASP A 227 -15.99 -13.89 -5.05
C ASP A 227 -14.62 -13.16 -4.99
N TYR A 228 -13.79 -13.45 -3.96
CA TYR A 228 -12.49 -12.77 -3.84
C TYR A 228 -11.53 -13.22 -4.92
N GLN A 229 -10.91 -12.25 -5.62
CA GLN A 229 -9.84 -12.57 -6.57
C GLN A 229 -8.78 -11.47 -6.59
N LEU A 230 -7.55 -11.85 -6.92
CA LEU A 230 -6.48 -10.89 -7.12
C LEU A 230 -6.67 -10.31 -8.54
N PRO A 231 -6.22 -9.06 -8.80
CA PRO A 231 -6.31 -8.55 -10.19
C PRO A 231 -5.56 -9.47 -11.15
N TYR A 232 -6.15 -9.67 -12.34
CA TYR A 232 -5.57 -10.51 -13.40
C TYR A 232 -5.65 -12.03 -13.10
N TYR A 233 -6.45 -12.45 -12.10
CA TYR A 233 -6.63 -13.89 -11.78
C TYR A 233 -7.07 -14.72 -13.00
N ASP A 234 -7.80 -14.09 -13.91
CA ASP A 234 -8.39 -14.65 -15.14
C ASP A 234 -7.42 -14.68 -16.33
N LEU A 235 -6.22 -14.09 -16.18
CA LEU A 235 -5.31 -13.93 -17.32
C LEU A 235 -3.88 -14.40 -17.14
N VAL A 236 -3.43 -14.49 -15.88
CA VAL A 236 -2.05 -14.82 -15.58
C VAL A 236 -2.02 -15.94 -14.55
N PRO A 237 -0.91 -16.69 -14.47
CA PRO A 237 -0.85 -17.73 -13.43
C PRO A 237 -0.52 -17.12 -12.08
N SER A 238 -0.52 -17.95 -11.04
CA SER A 238 -0.06 -17.53 -9.71
C SER A 238 1.45 -17.27 -9.88
N ASP A 239 1.98 -16.34 -9.09
CA ASP A 239 3.38 -15.89 -9.15
C ASP A 239 3.79 -15.52 -10.61
N PRO A 240 3.04 -14.61 -11.29
CA PRO A 240 3.37 -14.30 -12.70
C PRO A 240 4.69 -13.61 -12.89
N SER A 241 5.35 -13.87 -14.03
CA SER A 241 6.61 -13.22 -14.33
C SER A 241 6.31 -11.84 -14.95
N VAL A 242 7.35 -11.01 -15.11
CA VAL A 242 7.22 -9.69 -15.74
C VAL A 242 6.73 -9.91 -17.18
N GLU A 243 7.29 -10.91 -17.89
CA GLU A 243 6.90 -11.18 -19.28
C GLU A 243 5.42 -11.54 -19.42
N GLU A 244 4.90 -12.41 -18.51
CA GLU A 244 3.47 -12.78 -18.52
C GLU A 244 2.59 -11.54 -18.30
N MET A 245 2.97 -10.70 -17.32
CA MET A 245 2.21 -9.46 -17.04
C MET A 245 2.25 -8.50 -18.22
N ARG A 246 3.46 -8.23 -18.76
CA ARG A 246 3.66 -7.32 -19.88
C ARG A 246 2.82 -7.72 -21.10
N LYS A 247 2.78 -9.03 -21.45
CA LYS A 247 1.96 -9.49 -22.58
C LYS A 247 0.49 -9.18 -22.37
N VAL A 248 -0.02 -9.30 -21.14
CA VAL A 248 -1.43 -9.00 -20.87
C VAL A 248 -1.71 -7.51 -20.82
N VAL A 249 -0.92 -6.79 -20.00
CA VAL A 249 -1.17 -5.38 -19.67
C VAL A 249 -0.69 -4.43 -20.78
N CYS A 250 0.50 -4.65 -21.33
CA CYS A 250 1.08 -3.74 -22.33
C CYS A 250 0.76 -4.14 -23.77
N GLU A 251 0.86 -5.41 -24.11
CA GLU A 251 0.63 -5.83 -25.48
C GLU A 251 -0.85 -5.98 -25.82
N GLN A 252 -1.57 -6.82 -25.05
CA GLN A 252 -2.99 -7.02 -25.30
C GLN A 252 -3.87 -5.89 -24.76
N LYS A 253 -3.30 -5.03 -23.88
CA LYS A 253 -3.97 -3.86 -23.29
C LYS A 253 -5.21 -4.22 -22.43
N LEU A 254 -5.16 -5.38 -21.75
CA LEU A 254 -6.27 -5.79 -20.88
C LEU A 254 -6.10 -5.23 -19.45
N ARG A 255 -7.22 -5.07 -18.79
CA ARG A 255 -7.33 -4.64 -17.40
C ARG A 255 -8.35 -5.57 -16.68
N PRO A 256 -8.45 -5.59 -15.33
CA PRO A 256 -9.50 -6.39 -14.70
C PRO A 256 -10.88 -6.01 -15.24
N ASN A 257 -11.74 -7.00 -15.41
CA ASN A 257 -13.09 -6.82 -15.93
C ASN A 257 -13.96 -6.04 -14.97
N ILE A 258 -14.67 -5.05 -15.51
CA ILE A 258 -15.64 -4.26 -14.74
C ILE A 258 -17.02 -4.85 -15.06
N PRO A 259 -17.60 -5.61 -14.11
CA PRO A 259 -18.93 -6.23 -14.36
C PRO A 259 -20.04 -5.23 -14.58
N ASN A 260 -21.03 -5.63 -15.42
CA ASN A 260 -22.22 -4.86 -15.75
C ASN A 260 -22.99 -4.40 -14.50
N ARG A 261 -23.10 -5.26 -13.45
CA ARG A 261 -23.82 -4.94 -12.21
C ARG A 261 -23.28 -3.68 -11.47
N TRP A 262 -22.03 -3.25 -11.73
CA TRP A 262 -21.47 -2.06 -11.06
C TRP A 262 -22.08 -0.73 -11.59
N GLN A 263 -22.90 -0.80 -12.65
CA GLN A 263 -23.58 0.37 -13.20
C GLN A 263 -24.95 0.60 -12.52
N SER A 264 -25.47 -0.42 -11.83
CA SER A 264 -26.77 -0.40 -11.14
C SER A 264 -26.79 0.38 -9.81
N CYS A 265 -25.60 0.75 -9.32
CA CYS A 265 -25.42 1.46 -8.07
C CYS A 265 -24.48 2.64 -8.26
N GLU A 266 -24.87 3.84 -7.77
CA GLU A 266 -24.07 5.07 -7.88
C GLU A 266 -22.64 4.95 -7.31
N ALA A 267 -22.51 4.36 -6.10
CA ALA A 267 -21.21 4.18 -5.46
C ALA A 267 -20.31 3.30 -6.34
N LEU A 268 -20.88 2.19 -6.89
CA LEU A 268 -20.14 1.31 -7.78
C LEU A 268 -19.78 1.98 -9.11
N ARG A 269 -20.66 2.87 -9.63
CA ARG A 269 -20.38 3.63 -10.86
C ARG A 269 -19.20 4.59 -10.63
N VAL A 270 -19.16 5.25 -9.45
CA VAL A 270 -18.09 6.20 -9.08
C VAL A 270 -16.76 5.42 -8.93
N MET A 271 -16.82 4.25 -8.28
CA MET A 271 -15.67 3.35 -8.07
C MET A 271 -15.11 2.85 -9.41
N ALA A 272 -16.00 2.38 -10.33
CA ALA A 272 -15.60 1.88 -11.66
C ALA A 272 -14.94 2.95 -12.52
N LYS A 273 -15.47 4.19 -12.46
CA LYS A 273 -14.94 5.33 -13.17
C LYS A 273 -13.52 5.67 -12.67
N ILE A 274 -13.31 5.66 -11.33
CA ILE A 274 -11.98 5.92 -10.74
C ILE A 274 -11.02 4.83 -11.27
N MET A 275 -11.43 3.56 -11.20
CA MET A 275 -10.60 2.45 -11.70
C MET A 275 -10.11 2.68 -13.13
N ARG A 276 -11.06 2.97 -14.04
CA ARG A 276 -10.71 3.24 -15.43
C ARG A 276 -9.76 4.41 -15.55
N GLU A 277 -9.94 5.43 -14.68
CA GLU A 277 -9.07 6.62 -14.70
C GLU A 277 -7.76 6.42 -13.91
N CYS A 278 -7.55 5.23 -13.30
CA CYS A 278 -6.27 4.83 -12.67
C CYS A 278 -5.51 3.92 -13.65
N TRP A 279 -6.25 3.27 -14.58
CA TRP A 279 -5.68 2.24 -15.45
C TRP A 279 -5.19 2.66 -16.80
N TYR A 280 -5.28 3.95 -17.12
CA TYR A 280 -4.77 4.46 -18.39
C TYR A 280 -3.36 4.02 -18.55
N ALA A 281 -2.96 3.65 -19.78
CA ALA A 281 -1.55 3.26 -19.98
C ALA A 281 -0.61 4.45 -19.78
N ASN A 282 -1.09 5.67 -20.12
CA ASN A 282 -0.30 6.88 -19.96
C ASN A 282 -0.48 7.40 -18.54
N GLY A 283 0.57 7.29 -17.75
CA GLY A 283 0.62 7.71 -16.36
C GLY A 283 0.15 9.14 -16.13
N ALA A 284 0.49 10.08 -17.05
CA ALA A 284 0.07 11.49 -16.99
C ALA A 284 -1.45 11.72 -17.09
N ALA A 285 -2.21 10.76 -17.67
CA ALA A 285 -3.66 10.84 -17.79
C ALA A 285 -4.42 10.44 -16.52
N ARG A 286 -3.74 9.70 -15.63
CA ARG A 286 -4.37 9.18 -14.40
C ARG A 286 -4.75 10.24 -13.41
N LEU A 287 -5.76 9.96 -12.58
CA LEU A 287 -6.16 10.83 -11.48
C LEU A 287 -5.02 10.86 -10.45
N THR A 288 -4.96 11.92 -9.65
CA THR A 288 -4.01 12.00 -8.54
C THR A 288 -4.70 11.35 -7.36
N ALA A 289 -3.93 10.98 -6.32
CA ALA A 289 -4.53 10.42 -5.12
C ALA A 289 -5.39 11.50 -4.47
N LEU A 290 -4.94 12.78 -4.52
CA LEU A 290 -5.71 13.87 -3.91
C LEU A 290 -7.08 14.06 -4.58
N ARG A 291 -7.15 13.98 -5.93
CA ARG A 291 -8.41 14.07 -6.68
C ARG A 291 -9.35 12.90 -6.34
N ILE A 292 -8.79 11.66 -6.17
CA ILE A 292 -9.57 10.48 -5.79
C ILE A 292 -10.12 10.68 -4.39
N LYS A 293 -9.29 11.22 -3.46
CA LYS A 293 -9.73 11.47 -2.09
C LYS A 293 -10.95 12.42 -2.12
N LYS A 294 -10.87 13.50 -2.89
CA LYS A 294 -11.95 14.51 -2.98
C LYS A 294 -13.23 13.90 -3.54
N THR A 295 -13.11 13.08 -4.61
CA THR A 295 -14.24 12.39 -5.23
C THR A 295 -14.92 11.45 -4.23
N LEU A 296 -14.13 10.59 -3.55
CA LEU A 296 -14.68 9.66 -2.58
C LEU A 296 -15.20 10.36 -1.31
N SER A 297 -14.60 11.51 -0.92
CA SER A 297 -15.06 12.30 0.24
C SER A 297 -16.48 12.82 -0.06
N GLN A 298 -16.68 13.36 -1.28
CA GLN A 298 -17.97 13.85 -1.78
C GLN A 298 -19.01 12.72 -1.73
N LEU A 299 -18.61 11.49 -2.15
CA LEU A 299 -19.47 10.31 -2.12
C LEU A 299 -19.83 9.87 -0.70
N SER A 300 -18.86 9.89 0.27
CA SER A 300 -19.14 9.49 1.65
C SER A 300 -20.09 10.48 2.34
N GLN A 301 -19.97 11.77 1.99
CA GLN A 301 -20.83 12.85 2.52
C GLN A 301 -22.30 12.58 2.11
N GLN A 302 -22.53 12.30 0.81
CA GLN A 302 -23.84 12.00 0.23
C GLN A 302 -24.49 10.76 0.88
N GLU A 303 -23.70 9.71 1.15
CA GLU A 303 -24.14 8.43 1.75
C GLU A 303 -24.43 8.57 3.25
C13 QMY B . 1.95 -6.67 6.71
C18 QMY B . 1.87 -4.41 10.49
C17 QMY B . 2.13 -5.57 9.68
C19 QMY B . 0.85 -4.39 11.41
C20 QMY B . 0.05 -5.55 11.56
C22 QMY B . 1.35 -6.68 9.87
C24 QMY B . -1.38 -7.11 12.09
C11 QMY B . 5.10 -4.85 11.18
C12 QMY B . 7.12 -1.25 10.20
C1 QMY B . 3.19 -5.55 8.66
N2 QMY B . 3.10 -6.05 7.38
C3 QMY B . 4.29 -5.78 6.77
N4 QMY B . 5.12 -5.12 7.54
C5 QMY B . 4.46 -4.98 8.76
C6 QMY B . 5.16 -4.33 9.89
N7 QMY B . 5.84 -3.21 9.59
C8 QMY B . 6.47 -2.54 10.57
C9 QMY B . 6.47 -3.01 11.89
C10 QMY B . 5.78 -4.18 12.19
C14 QMY B . 1.23 -5.58 5.83
F15 QMY B . 2.11 -5.02 4.96
F16 QMY B . 0.87 -4.56 6.63
N21 QMY B . 0.31 -6.67 10.77
N23 QMY B . -0.98 -5.82 12.36
C25 QMY B . -0.61 -7.65 11.11
H34 QMY B . 1.22 -7.07 7.41
H33 QMY B . 2.28 -7.50 6.10
H36 QMY B . 2.50 -3.54 10.36
H37 QMY B . 0.62 -3.52 12.02
H38 QMY B . 1.57 -7.64 9.39
H39 QMY B . -2.20 -7.57 12.64
H29 QMY B . 4.51 -5.74 11.40
H32 QMY B . 7.95 -0.98 10.86
H30 QMY B . 6.40 -0.44 10.24
H31 QMY B . 7.53 -1.29 9.19
H26 QMY B . 4.53 -6.08 5.75
H27 QMY B . 6.99 -2.47 12.68
H28 QMY B . 5.80 -4.59 13.21
H35 QMY B . 0.35 -5.98 5.31
H40 QMY B . -0.63 -8.63 10.64
C1 GOL C . 26.85 -11.38 21.34
O1 GOL C . 26.12 -10.87 22.44
C2 GOL C . 26.33 -12.74 20.96
O2 GOL C . 24.98 -12.62 20.49
C3 GOL C . 27.21 -13.34 19.88
O3 GOL C . 27.04 -14.75 19.79
C1 GOL D . 5.46 5.68 21.58
O1 GOL D . 5.06 4.36 21.96
C2 GOL D . 6.79 6.04 22.21
O2 GOL D . 7.81 5.15 21.76
C3 GOL D . 7.18 7.47 21.97
O3 GOL D . 7.67 7.65 20.64
C1 GOL E . -7.25 -2.85 16.71
O1 GOL E . -6.38 -3.97 16.48
C2 GOL E . -6.93 -1.70 15.78
O2 GOL E . -7.06 -2.14 14.43
C3 GOL E . -7.74 -0.45 15.97
O3 GOL E . -7.25 0.59 15.13
#